data_4EC3
#
_entry.id   4EC3
#
_cell.length_a   98.763
_cell.length_b   92.943
_cell.length_c   63.579
_cell.angle_alpha   90.00
_cell.angle_beta   100.31
_cell.angle_gamma   90.00
#
_symmetry.space_group_name_H-M   'C 1 2 1'
#
loop_
_entity.id
_entity.type
_entity.pdbx_description
1 polymer 'Reticuline oxidase'
2 branched alpha-D-mannopyranose-(1-2)-alpha-D-mannopyranose-(1-2)-alpha-D-mannopyranose-(1-3)-beta-D-mannopyranose-(1-4)-2-acetamido-2-deoxy-beta-D-glucopyranose-(1-4)-2-acetamido-2-deoxy-beta-D-glucopyranose
3 non-polymer 'FLAVIN-ADENINE DINUCLEOTIDE'
4 non-polymer (S)-reticuline
5 non-polymer 2-acetamido-2-deoxy-beta-D-glucopyranose
6 non-polymer 'CHLORIDE ION'
7 water water
#
_entity_poly.entity_id   1
_entity_poly.type   'polypeptide(L)'
_entity_poly.pdbx_seq_one_letter_code
;EAEAGNDLLSCLTFNGVRNHTVFSADSDSDFNRFLHLSIQNPLFQNSLISKPSAIILPGSKEELSNTIRCIRKGSWTIRL
RSGGHSYEGLSYTSDTPFILIDLMNLNRVSIDLESETAWVESGSTLGELYYAITESSSKLGFTAGWCPTVGTGGAISGGG
FGMMSRKYGLAADNVVDAILIDANGAILDRQAMGEDVFWAIRGGGGGVWGAIYAWKIKLLPVPEKVTVFRVTKNVAIDEA
TSLLHKWQFVAEELEEDFTLSVLGGADEKQVWLTMLGFHFGLKTVAKSTFDLLFPELGLVEEDYLEMSWGESFAYLAGLE
TVSQLNNRFLKFDERAFKTKVDLTKEPLPSKAFYGLLERLSKEPNGFIALNGFGGQMSKISSDFTPFPHRSGTRLMVEYI
VAWNQSEQKKKTEFLDWLEKVYEFMKPFVSKNPRLGYVNHIDLDLGGIDWGNKTVVNNAIEISRSWGESYFLSNYERLIR
AKTLIDPNNVFNHPQSIPPMANFDYLEKTLGSDGGEVVI
;
_entity_poly.pdbx_strand_id   A
#
# COMPACT_ATOMS: atom_id res chain seq x y z
N ALA A 2 -3.71 -25.88 16.46
CA ALA A 2 -2.54 -25.02 16.65
C ALA A 2 -1.29 -25.63 16.02
N GLU A 3 -1.39 -26.91 15.67
CA GLU A 3 -0.30 -27.63 15.02
C GLU A 3 -0.46 -27.59 13.51
N ALA A 4 0.41 -28.28 12.79
CA ALA A 4 0.29 -28.42 11.34
C ALA A 4 -0.47 -29.71 11.04
N GLY A 5 0.24 -30.83 11.02
CA GLY A 5 -0.42 -32.12 11.03
C GLY A 5 -0.61 -32.90 9.75
N ASN A 6 -0.79 -34.20 9.93
CA ASN A 6 -0.97 -35.14 8.83
C ASN A 6 -2.19 -34.83 7.97
N ASP A 7 -3.23 -34.24 8.57
CA ASP A 7 -4.44 -33.95 7.80
C ASP A 7 -4.19 -32.85 6.77
N LEU A 8 -3.70 -31.70 7.24
CA LEU A 8 -3.38 -30.59 6.36
C LEU A 8 -2.29 -30.97 5.36
N LEU A 9 -1.24 -31.60 5.86
CA LEU A 9 -0.13 -31.98 4.98
C LEU A 9 -0.55 -32.99 3.91
N SER A 10 -1.32 -33.99 4.29
CA SER A 10 -1.79 -34.99 3.33
C SER A 10 -2.77 -34.36 2.35
N CYS A 11 -3.55 -33.40 2.82
CA CYS A 11 -4.49 -32.70 1.97
C CYS A 11 -3.74 -31.92 0.89
N LEU A 12 -2.69 -31.20 1.31
CA LEU A 12 -1.86 -30.46 0.37
C LEU A 12 -1.18 -31.39 -0.62
N THR A 13 -0.55 -32.44 -0.11
CA THR A 13 0.18 -33.39 -0.94
C THR A 13 -0.73 -34.04 -1.97
N PHE A 14 -1.94 -34.40 -1.55
CA PHE A 14 -2.93 -35.02 -2.41
C PHE A 14 -3.29 -34.11 -3.58
N ASN A 15 -3.49 -32.83 -3.27
CA ASN A 15 -3.82 -31.85 -4.30
C ASN A 15 -2.61 -31.35 -5.07
N GLY A 16 -1.45 -31.94 -4.81
CA GLY A 16 -0.23 -31.62 -5.54
C GLY A 16 0.30 -30.24 -5.26
N VAL A 17 -0.03 -29.69 -4.10
CA VAL A 17 0.57 -28.43 -3.66
C VAL A 17 1.82 -28.75 -2.87
N ARG A 18 2.92 -29.00 -3.59
CA ARG A 18 4.12 -29.56 -2.98
C ARG A 18 5.01 -28.57 -2.25
N ASN A 19 4.81 -27.28 -2.51
CA ASN A 19 5.67 -26.28 -1.88
C ASN A 19 5.11 -25.74 -0.58
N HIS A 20 5.47 -26.38 0.52
CA HIS A 20 5.08 -25.93 1.84
C HIS A 20 6.03 -26.44 2.90
N THR A 21 6.19 -25.66 3.98
CA THR A 21 7.04 -26.07 5.09
C THR A 21 6.31 -25.84 6.40
N VAL A 22 6.67 -26.61 7.42
CA VAL A 22 6.06 -26.48 8.73
C VAL A 22 6.95 -25.64 9.64
N PHE A 23 6.39 -25.18 10.75
CA PHE A 23 7.11 -24.27 11.65
C PHE A 23 8.44 -24.83 12.14
N SER A 24 9.44 -23.95 12.15
CA SER A 24 10.76 -24.28 12.69
C SER A 24 11.47 -22.99 13.11
N ALA A 25 11.98 -22.98 14.34
CA ALA A 25 12.65 -21.80 14.86
C ALA A 25 14.04 -21.60 14.28
N ASP A 26 14.61 -22.69 13.74
CA ASP A 26 15.97 -22.67 13.21
C ASP A 26 16.17 -21.61 12.13
N SER A 27 17.15 -20.74 12.36
CA SER A 27 17.47 -19.66 11.43
C SER A 27 17.82 -20.19 10.03
N ASP A 28 18.38 -21.39 9.99
CA ASP A 28 18.83 -21.98 8.73
C ASP A 28 17.76 -22.84 8.07
N SER A 29 16.54 -22.79 8.60
CA SER A 29 15.44 -23.58 8.05
C SER A 29 14.70 -22.83 6.96
N ASP A 30 14.18 -23.57 5.97
CA ASP A 30 13.44 -22.97 4.87
C ASP A 30 12.19 -22.24 5.36
N PHE A 31 11.57 -22.74 6.42
CA PHE A 31 10.40 -22.09 7.00
C PHE A 31 10.75 -20.68 7.45
N ASN A 32 11.75 -20.57 8.31
CA ASN A 32 12.18 -19.29 8.85
C ASN A 32 12.58 -18.31 7.76
N ARG A 33 13.36 -18.82 6.81
CA ARG A 33 13.86 -18.01 5.70
C ARG A 33 12.70 -17.45 4.86
N PHE A 34 11.78 -18.33 4.48
CA PHE A 34 10.61 -17.91 3.70
C PHE A 34 9.77 -16.92 4.50
N LEU A 35 9.68 -17.14 5.81
CA LEU A 35 8.91 -16.27 6.68
C LEU A 35 9.48 -14.86 6.63
N HIS A 36 10.79 -14.74 6.82
CA HIS A 36 11.42 -13.42 6.91
C HIS A 36 11.75 -12.79 5.55
N LEU A 37 11.58 -13.54 4.48
CA LEU A 37 11.80 -13.02 3.14
C LEU A 37 10.95 -11.80 2.84
N SER A 38 9.67 -11.88 3.20
CA SER A 38 8.73 -10.80 2.89
C SER A 38 8.15 -10.13 4.13
N ILE A 39 8.93 -10.06 5.21
CA ILE A 39 8.57 -9.24 6.34
C ILE A 39 9.21 -7.86 6.16
N GLN A 40 8.43 -6.93 5.61
CA GLN A 40 8.96 -5.64 5.19
C GLN A 40 8.97 -4.61 6.31
N ASN A 41 8.35 -4.95 7.43
CA ASN A 41 8.46 -4.15 8.64
C ASN A 41 9.03 -4.98 9.77
N PRO A 42 10.36 -4.86 10.00
CA PRO A 42 11.12 -5.58 11.02
C PRO A 42 10.50 -5.51 12.43
N LEU A 43 9.56 -4.59 12.62
CA LEU A 43 8.86 -4.45 13.90
C LEU A 43 8.13 -5.75 14.27
N PHE A 44 7.91 -6.60 13.27
CA PHE A 44 7.17 -7.83 13.49
C PHE A 44 8.01 -9.06 13.15
N GLN A 45 9.29 -9.03 13.49
CA GLN A 45 10.18 -10.14 13.15
C GLN A 45 10.81 -10.85 14.35
N ASN A 46 10.65 -10.27 15.54
CA ASN A 46 11.20 -10.88 16.75
C ASN A 46 10.49 -12.19 17.11
N SER A 47 11.13 -12.98 17.97
CA SER A 47 10.65 -14.32 18.30
C SER A 47 9.35 -14.36 19.10
N LEU A 48 8.93 -13.22 19.64
CA LEU A 48 7.71 -13.14 20.44
C LEU A 48 6.46 -13.01 19.57
N ILE A 49 6.65 -12.47 18.37
CA ILE A 49 5.56 -12.31 17.40
C ILE A 49 4.96 -13.67 17.04
N SER A 50 3.66 -13.68 16.73
CA SER A 50 2.98 -14.90 16.31
C SER A 50 3.57 -15.43 15.01
N LYS A 51 3.76 -16.74 14.95
CA LYS A 51 4.36 -17.38 13.79
C LYS A 51 3.36 -18.34 13.15
N PRO A 52 3.44 -18.50 11.81
CA PRO A 52 2.54 -19.44 11.13
C PRO A 52 2.88 -20.87 11.50
N SER A 53 1.88 -21.73 11.60
CA SER A 53 2.16 -23.14 11.84
C SER A 53 2.82 -23.74 10.61
N ALA A 54 2.41 -23.25 9.45
CA ALA A 54 3.01 -23.66 8.19
C ALA A 54 2.96 -22.52 7.17
N ILE A 55 3.90 -22.54 6.24
CA ILE A 55 3.88 -21.62 5.11
C ILE A 55 3.70 -22.41 3.82
N ILE A 56 2.74 -21.99 3.02
CA ILE A 56 2.45 -22.65 1.75
C ILE A 56 2.74 -21.69 0.60
N LEU A 57 3.44 -22.19 -0.41
CA LEU A 57 3.76 -21.39 -1.58
C LEU A 57 3.15 -21.98 -2.84
N PRO A 58 1.85 -21.76 -3.05
CA PRO A 58 1.17 -22.31 -4.23
C PRO A 58 1.77 -21.77 -5.52
N GLY A 59 1.97 -22.64 -6.49
CA GLY A 59 2.61 -22.26 -7.73
C GLY A 59 1.62 -21.96 -8.85
N SER A 60 0.33 -22.11 -8.57
CA SER A 60 -0.70 -21.84 -9.55
C SER A 60 -2.05 -21.51 -8.91
N LYS A 61 -2.97 -21.06 -9.76
CA LYS A 61 -4.33 -20.75 -9.35
C LYS A 61 -5.00 -21.95 -8.66
N GLU A 62 -4.90 -23.11 -9.29
CA GLU A 62 -5.47 -24.33 -8.75
C GLU A 62 -4.85 -24.69 -7.40
N GLU A 63 -3.52 -24.57 -7.30
CA GLU A 63 -2.84 -24.88 -6.06
C GLU A 63 -3.28 -23.94 -4.95
N LEU A 64 -3.57 -22.70 -5.31
CA LEU A 64 -4.06 -21.71 -4.36
C LEU A 64 -5.44 -22.11 -3.85
N SER A 65 -6.33 -22.41 -4.80
CA SER A 65 -7.69 -22.84 -4.46
C SER A 65 -7.70 -24.05 -3.54
N ASN A 66 -6.91 -25.06 -3.91
CA ASN A 66 -6.81 -26.28 -3.12
C ASN A 66 -6.18 -26.04 -1.77
N THR A 67 -5.23 -25.11 -1.71
CA THR A 67 -4.58 -24.73 -0.46
C THR A 67 -5.62 -24.16 0.50
N ILE A 68 -6.38 -23.19 0.02
CA ILE A 68 -7.46 -22.62 0.82
C ILE A 68 -8.46 -23.68 1.26
N ARG A 69 -8.86 -24.55 0.33
CA ARG A 69 -9.75 -25.66 0.66
C ARG A 69 -9.20 -26.52 1.79
N CYS A 70 -7.90 -26.79 1.74
CA CYS A 70 -7.24 -27.66 2.71
C CYS A 70 -7.17 -27.02 4.08
N ILE A 71 -6.77 -25.76 4.13
CA ILE A 71 -6.71 -25.04 5.39
C ILE A 71 -8.11 -24.94 6.00
N ARG A 72 -9.11 -24.78 5.14
CA ARG A 72 -10.50 -24.71 5.58
C ARG A 72 -10.93 -25.94 6.35
N LYS A 73 -10.39 -27.10 5.98
CA LYS A 73 -10.72 -28.35 6.66
C LYS A 73 -10.23 -28.35 8.12
N GLY A 74 -9.32 -27.44 8.43
CA GLY A 74 -8.79 -27.34 9.78
C GLY A 74 -9.21 -26.09 10.51
N SER A 75 -8.60 -25.86 11.67
CA SER A 75 -9.03 -24.78 12.56
C SER A 75 -8.25 -23.48 12.31
N TRP A 76 -7.27 -23.53 11.43
CA TRP A 76 -6.36 -22.40 11.25
C TRP A 76 -7.02 -21.17 10.64
N THR A 77 -6.53 -20.01 11.05
CA THR A 77 -6.84 -18.76 10.38
C THR A 77 -6.00 -18.72 9.11
N ILE A 78 -6.59 -18.23 8.03
CA ILE A 78 -5.86 -18.08 6.77
C ILE A 78 -5.16 -16.74 6.74
N ARG A 79 -3.88 -16.74 6.38
CA ARG A 79 -3.18 -15.49 6.11
C ARG A 79 -2.68 -15.47 4.67
N LEU A 80 -2.90 -14.37 3.97
CA LEU A 80 -2.42 -14.22 2.60
C LEU A 80 -1.30 -13.21 2.57
N ARG A 81 -0.16 -13.59 2.00
CA ARG A 81 0.93 -12.65 1.85
C ARG A 81 1.42 -12.54 0.41
N SER A 82 1.42 -11.31 -0.09
CA SER A 82 1.90 -11.03 -1.43
C SER A 82 3.26 -10.36 -1.36
N GLY A 83 3.29 -9.11 -0.95
CA GLY A 83 4.54 -8.38 -0.81
C GLY A 83 4.95 -8.24 0.65
N GLY A 84 3.97 -8.39 1.54
CA GLY A 84 4.22 -8.32 2.96
C GLY A 84 4.54 -6.92 3.45
N HIS A 85 3.96 -5.92 2.81
CA HIS A 85 4.22 -4.54 3.18
C HIS A 85 3.23 -3.97 4.19
N SER A 86 2.33 -4.83 4.67
CA SER A 86 1.36 -4.43 5.69
C SER A 86 2.06 -3.72 6.85
N TYR A 87 1.60 -2.52 7.17
CA TYR A 87 2.23 -1.71 8.20
C TYR A 87 2.10 -2.33 9.57
N GLU A 88 1.14 -3.24 9.71
CA GLU A 88 0.86 -3.88 10.99
C GLU A 88 1.13 -5.39 10.94
N GLY A 89 1.79 -5.82 9.87
CA GLY A 89 2.15 -7.23 9.72
C GLY A 89 0.94 -8.13 9.65
N LEU A 90 -0.14 -7.62 9.07
CA LEU A 90 -1.41 -8.35 9.06
C LEU A 90 -1.45 -9.49 8.06
N SER A 91 -0.35 -9.71 7.35
CA SER A 91 -0.30 -10.81 6.37
C SER A 91 0.55 -11.97 6.85
N TYR A 92 1.25 -11.80 7.97
CA TYR A 92 2.07 -12.87 8.51
C TYR A 92 1.98 -12.98 10.04
N THR A 93 0.99 -12.32 10.61
CA THR A 93 0.71 -12.45 12.05
C THR A 93 -0.77 -12.75 12.27
N SER A 94 -1.08 -13.30 13.45
CA SER A 94 -2.46 -13.63 13.81
C SER A 94 -2.58 -14.02 15.28
N ASP A 95 -3.64 -13.55 15.93
CA ASP A 95 -3.90 -13.90 17.33
C ASP A 95 -4.13 -15.40 17.47
N THR A 96 -4.95 -15.95 16.59
CA THR A 96 -5.21 -17.38 16.54
C THR A 96 -4.10 -18.06 15.74
N PRO A 97 -3.89 -19.36 15.97
CA PRO A 97 -2.95 -20.12 15.15
C PRO A 97 -3.33 -20.01 13.68
N PHE A 98 -2.36 -19.91 12.79
CA PHE A 98 -2.65 -19.60 11.40
C PHE A 98 -1.72 -20.27 10.39
N ILE A 99 -2.16 -20.30 9.14
CA ILE A 99 -1.33 -20.78 8.05
C ILE A 99 -0.99 -19.63 7.10
N LEU A 100 0.29 -19.54 6.74
CA LEU A 100 0.77 -18.50 5.85
C LEU A 100 0.76 -18.97 4.40
N ILE A 101 -0.02 -18.28 3.58
CA ILE A 101 -0.03 -18.55 2.16
C ILE A 101 0.75 -17.45 1.45
N ASP A 102 2.02 -17.73 1.17
CA ASP A 102 2.87 -16.77 0.48
C ASP A 102 2.65 -16.91 -1.02
N LEU A 103 2.52 -15.77 -1.71
CA LEU A 103 2.17 -15.78 -3.12
C LEU A 103 3.34 -15.38 -4.02
N MET A 104 4.55 -15.45 -3.48
CA MET A 104 5.74 -14.99 -4.19
C MET A 104 6.03 -15.77 -5.48
N ASN A 105 5.52 -17.00 -5.56
CA ASN A 105 5.69 -17.80 -6.77
C ASN A 105 4.65 -17.45 -7.82
N LEU A 106 3.56 -16.83 -7.38
CA LEU A 106 2.57 -16.31 -8.30
C LEU A 106 2.96 -14.89 -8.68
N ASN A 107 4.07 -14.75 -9.38
CA ASN A 107 4.57 -13.42 -9.74
C ASN A 107 4.74 -13.22 -11.24
N ARG A 108 3.91 -13.91 -12.02
CA ARG A 108 3.99 -13.86 -13.47
C ARG A 108 3.09 -12.76 -14.02
N VAL A 109 3.57 -12.09 -15.07
CA VAL A 109 2.78 -11.05 -15.73
C VAL A 109 2.57 -11.42 -17.19
N SER A 110 1.39 -11.11 -17.71
CA SER A 110 1.09 -11.31 -19.12
C SER A 110 0.60 -10.00 -19.72
N ILE A 111 1.42 -9.40 -20.58
CA ILE A 111 1.05 -8.14 -21.21
C ILE A 111 0.43 -8.38 -22.58
N ASP A 112 -0.75 -7.80 -22.78
CA ASP A 112 -1.41 -7.83 -24.08
C ASP A 112 -1.23 -6.46 -24.72
N LEU A 113 -0.31 -6.36 -25.68
CA LEU A 113 -0.07 -5.10 -26.36
C LEU A 113 -1.24 -4.72 -27.26
N GLU A 114 -2.05 -5.70 -27.64
CA GLU A 114 -3.21 -5.45 -28.49
C GLU A 114 -4.35 -4.77 -27.71
N SER A 115 -4.67 -5.31 -26.54
CA SER A 115 -5.73 -4.75 -25.73
C SER A 115 -5.19 -3.64 -24.81
N GLU A 116 -3.87 -3.58 -24.70
CA GLU A 116 -3.19 -2.68 -23.77
C GLU A 116 -3.67 -2.90 -22.34
N THR A 117 -3.70 -4.17 -21.96
CA THR A 117 -4.04 -4.57 -20.60
C THR A 117 -3.03 -5.63 -20.16
N ALA A 118 -3.05 -5.97 -18.88
CA ALA A 118 -2.15 -7.00 -18.38
C ALA A 118 -2.81 -7.86 -17.31
N TRP A 119 -2.59 -9.17 -17.41
CA TRP A 119 -2.96 -10.09 -16.34
C TRP A 119 -1.77 -10.25 -15.41
N VAL A 120 -1.98 -9.89 -14.14
CA VAL A 120 -0.90 -9.84 -13.17
C VAL A 120 -1.23 -10.75 -12.00
N GLU A 121 -0.45 -11.81 -11.82
CA GLU A 121 -0.61 -12.66 -10.65
C GLU A 121 -0.33 -11.86 -9.38
N SER A 122 -1.18 -12.04 -8.37
CA SER A 122 -1.22 -11.14 -7.23
C SER A 122 0.04 -11.12 -6.37
N GLY A 123 0.93 -12.09 -6.59
CA GLY A 123 2.18 -12.13 -5.85
C GLY A 123 3.25 -11.28 -6.50
N SER A 124 2.93 -10.73 -7.67
CA SER A 124 3.84 -9.84 -8.36
C SER A 124 3.93 -8.53 -7.59
N THR A 125 5.15 -8.00 -7.46
CA THR A 125 5.32 -6.70 -6.84
C THR A 125 5.12 -5.63 -7.89
N LEU A 126 4.88 -4.40 -7.44
CA LEU A 126 4.77 -3.27 -8.35
C LEU A 126 5.99 -3.18 -9.24
N GLY A 127 7.16 -3.43 -8.65
CA GLY A 127 8.41 -3.40 -9.39
C GLY A 127 8.48 -4.41 -10.51
N GLU A 128 8.08 -5.66 -10.22
CA GLU A 128 8.10 -6.72 -11.23
C GLU A 128 7.14 -6.43 -12.37
N LEU A 129 5.95 -5.95 -12.01
CA LEU A 129 4.95 -5.58 -12.99
C LEU A 129 5.45 -4.46 -13.89
N TYR A 130 5.94 -3.40 -13.27
CA TYR A 130 6.47 -2.25 -13.99
C TYR A 130 7.58 -2.67 -14.94
N TYR A 131 8.50 -3.49 -14.43
CA TYR A 131 9.61 -3.97 -15.22
C TYR A 131 9.12 -4.76 -16.43
N ALA A 132 8.14 -5.63 -16.21
CA ALA A 132 7.53 -6.37 -17.30
C ALA A 132 6.99 -5.42 -18.37
N ILE A 133 6.26 -4.40 -17.91
CA ILE A 133 5.71 -3.39 -18.82
C ILE A 133 6.80 -2.71 -19.65
N THR A 134 7.90 -2.34 -19.00
CA THR A 134 9.02 -1.70 -19.68
C THR A 134 9.64 -2.64 -20.70
N GLU A 135 9.66 -3.93 -20.38
CA GLU A 135 10.19 -4.92 -21.32
C GLU A 135 9.28 -5.03 -22.54
N SER A 136 7.98 -4.91 -22.32
CA SER A 136 7.02 -5.07 -23.41
C SER A 136 6.82 -3.79 -24.21
N SER A 137 6.86 -2.65 -23.53
CA SER A 137 6.52 -1.39 -24.18
C SER A 137 7.25 -0.20 -23.55
N SER A 138 7.53 0.80 -24.37
CA SER A 138 8.10 2.05 -23.89
C SER A 138 7.09 3.18 -23.99
N LYS A 139 5.88 2.82 -24.41
CA LYS A 139 4.78 3.77 -24.54
C LYS A 139 3.73 3.53 -23.46
N LEU A 140 3.94 2.48 -22.67
CA LEU A 140 2.96 2.07 -21.67
C LEU A 140 3.53 2.03 -20.25
N GLY A 141 2.64 2.16 -19.27
CA GLY A 141 3.04 2.13 -17.87
C GLY A 141 1.87 1.81 -16.97
N PHE A 142 2.05 2.05 -15.67
CA PHE A 142 1.00 1.82 -14.69
C PHE A 142 1.30 2.59 -13.41
N THR A 143 0.28 2.79 -12.58
CA THR A 143 0.47 3.52 -11.33
C THR A 143 -0.17 2.76 -10.17
N ALA A 144 0.53 2.71 -9.04
CA ALA A 144 0.07 1.90 -7.91
C ALA A 144 0.73 2.28 -6.59
N GLY A 145 1.80 3.07 -6.66
CA GLY A 145 2.52 3.47 -5.46
C GLY A 145 4.02 3.52 -5.68
N TRP A 146 4.71 4.32 -4.88
CA TRP A 146 6.11 4.65 -5.10
C TRP A 146 7.09 3.58 -4.60
N CYS A 147 6.57 2.49 -4.05
CA CYS A 147 7.43 1.44 -3.52
C CYS A 147 7.39 0.18 -4.38
N PRO A 148 8.53 -0.13 -5.04
CA PRO A 148 8.62 -1.25 -6.00
C PRO A 148 8.51 -2.64 -5.38
N THR A 149 8.79 -2.79 -4.09
CA THR A 149 8.74 -4.10 -3.46
C THR A 149 7.35 -4.40 -2.90
N VAL A 150 6.43 -3.46 -3.09
CA VAL A 150 5.05 -3.65 -2.65
C VAL A 150 4.30 -4.60 -3.57
N GLY A 151 3.63 -5.59 -2.99
CA GLY A 151 2.90 -6.57 -3.76
C GLY A 151 1.61 -6.01 -4.34
N THR A 152 1.28 -6.43 -5.55
CA THR A 152 0.04 -6.00 -6.18
C THR A 152 -1.17 -6.56 -5.43
N GLY A 153 -0.98 -7.74 -4.86
CA GLY A 153 -2.03 -8.43 -4.13
C GLY A 153 -2.65 -7.62 -3.00
N GLY A 154 -1.81 -6.93 -2.23
CA GLY A 154 -2.30 -6.07 -1.16
C GLY A 154 -2.60 -4.67 -1.65
N ALA A 155 -1.64 -4.09 -2.37
CA ALA A 155 -1.73 -2.71 -2.82
C ALA A 155 -2.99 -2.44 -3.64
N ILE A 156 -3.23 -3.27 -4.65
CA ILE A 156 -4.40 -3.06 -5.50
C ILE A 156 -5.68 -3.38 -4.71
N SER A 157 -5.57 -4.34 -3.80
CA SER A 157 -6.69 -4.69 -2.91
C SER A 157 -7.09 -3.53 -2.01
N GLY A 158 -6.15 -2.62 -1.77
CA GLY A 158 -6.43 -1.46 -0.95
C GLY A 158 -6.52 -0.17 -1.75
N GLY A 159 -6.25 -0.25 -3.04
CA GLY A 159 -6.30 0.91 -3.90
C GLY A 159 -5.04 1.08 -4.73
N GLY A 160 -4.02 1.70 -4.14
CA GLY A 160 -2.77 1.94 -4.82
C GLY A 160 -2.64 3.35 -5.35
N PHE A 161 -2.11 4.24 -4.52
CA PHE A 161 -1.94 5.64 -4.89
C PHE A 161 -0.50 5.92 -5.30
N GLY A 162 -0.30 6.20 -6.58
CA GLY A 162 1.05 6.30 -7.11
C GLY A 162 1.48 7.60 -7.77
N MET A 163 2.59 7.50 -8.49
CA MET A 163 3.25 8.62 -9.15
C MET A 163 2.38 9.28 -10.21
N MET A 164 1.45 8.52 -10.79
CA MET A 164 0.60 9.03 -11.84
C MET A 164 -0.90 8.94 -11.51
N SER A 165 -1.22 8.88 -10.22
CA SER A 165 -2.62 8.77 -9.80
C SER A 165 -3.39 10.07 -10.03
N ARG A 166 -2.67 11.17 -10.20
CA ARG A 166 -3.32 12.45 -10.48
C ARG A 166 -3.81 12.49 -11.92
N LYS A 167 -3.36 11.53 -12.73
CA LYS A 167 -3.78 11.46 -14.12
C LYS A 167 -4.62 10.22 -14.40
N TYR A 168 -4.39 9.15 -13.65
CA TYR A 168 -5.08 7.89 -13.91
C TYR A 168 -5.86 7.33 -12.72
N GLY A 169 -5.70 7.95 -11.55
CA GLY A 169 -6.37 7.47 -10.36
C GLY A 169 -5.60 6.33 -9.72
N LEU A 170 -6.26 5.59 -8.84
CA LEU A 170 -5.61 4.48 -8.13
C LEU A 170 -5.41 3.30 -9.06
N ALA A 171 -4.59 2.34 -8.62
CA ALA A 171 -4.39 1.11 -9.37
C ALA A 171 -5.73 0.39 -9.48
N ALA A 172 -6.44 0.32 -8.36
CA ALA A 172 -7.74 -0.34 -8.31
C ALA A 172 -8.76 0.31 -9.25
N ASP A 173 -8.53 1.58 -9.56
CA ASP A 173 -9.41 2.31 -10.47
C ASP A 173 -9.16 1.91 -11.91
N ASN A 174 -8.08 1.16 -12.14
CA ASN A 174 -7.75 0.71 -13.50
C ASN A 174 -7.75 -0.81 -13.63
N VAL A 175 -8.49 -1.45 -12.73
CA VAL A 175 -8.69 -2.89 -12.79
C VAL A 175 -9.96 -3.18 -13.57
N VAL A 176 -9.84 -3.93 -14.66
CA VAL A 176 -10.99 -4.27 -15.49
C VAL A 176 -11.49 -5.68 -15.23
N ASP A 177 -10.61 -6.54 -14.70
CA ASP A 177 -11.04 -7.87 -14.30
C ASP A 177 -10.19 -8.39 -13.15
N ALA A 178 -10.54 -9.54 -12.61
CA ALA A 178 -9.80 -10.14 -11.51
C ALA A 178 -10.20 -11.59 -11.30
N ILE A 179 -9.24 -12.41 -10.93
CA ILE A 179 -9.53 -13.77 -10.51
C ILE A 179 -9.32 -13.88 -9.01
N LEU A 180 -10.44 -14.05 -8.31
CA LEU A 180 -10.51 -14.14 -6.86
C LEU A 180 -10.90 -15.56 -6.46
N ILE A 181 -10.22 -16.11 -5.46
CA ILE A 181 -10.58 -17.42 -4.93
C ILE A 181 -11.27 -17.26 -3.60
N ASP A 182 -12.50 -17.74 -3.51
CA ASP A 182 -13.31 -17.55 -2.31
C ASP A 182 -12.96 -18.55 -1.21
N ALA A 183 -13.76 -18.56 -0.15
CA ALA A 183 -13.50 -19.38 1.02
C ALA A 183 -13.70 -20.87 0.77
N ASN A 184 -14.29 -21.21 -0.37
CA ASN A 184 -14.52 -22.60 -0.73
C ASN A 184 -13.65 -23.03 -1.90
N GLY A 185 -12.68 -22.19 -2.24
CA GLY A 185 -11.75 -22.49 -3.30
C GLY A 185 -12.32 -22.26 -4.69
N ALA A 186 -13.54 -21.75 -4.75
CA ALA A 186 -14.17 -21.47 -6.04
C ALA A 186 -13.44 -20.36 -6.77
N ILE A 187 -13.11 -20.59 -8.03
CA ILE A 187 -12.39 -19.63 -8.83
C ILE A 187 -13.37 -18.75 -9.60
N LEU A 188 -13.34 -17.46 -9.31
CA LEU A 188 -14.31 -16.52 -9.87
C LEU A 188 -13.64 -15.35 -10.58
N ASP A 189 -14.04 -15.12 -11.83
CA ASP A 189 -13.67 -13.90 -12.51
C ASP A 189 -14.68 -12.81 -12.15
N ARG A 190 -14.57 -11.65 -12.79
CA ARG A 190 -15.51 -10.56 -12.57
C ARG A 190 -16.94 -11.01 -12.89
N GLN A 191 -17.07 -11.80 -13.96
CA GLN A 191 -18.34 -12.37 -14.36
C GLN A 191 -18.95 -13.19 -13.23
N ALA A 192 -18.17 -14.12 -12.70
CA ALA A 192 -18.64 -15.06 -11.69
C ALA A 192 -18.93 -14.40 -10.34
N MET A 193 -18.08 -13.46 -9.94
CA MET A 193 -18.17 -12.90 -8.60
C MET A 193 -19.24 -11.83 -8.46
N GLY A 194 -19.66 -11.23 -9.57
CA GLY A 194 -20.67 -10.19 -9.54
C GLY A 194 -20.08 -8.81 -9.32
N GLU A 195 -20.87 -7.78 -9.61
CA GLU A 195 -20.36 -6.41 -9.61
C GLU A 195 -20.14 -5.82 -8.23
N ASP A 196 -20.87 -6.32 -7.23
CA ASP A 196 -20.70 -5.85 -5.86
C ASP A 196 -19.37 -6.32 -5.29
N VAL A 197 -19.05 -7.60 -5.53
CA VAL A 197 -17.79 -8.16 -5.07
C VAL A 197 -16.62 -7.62 -5.87
N PHE A 198 -16.78 -7.54 -7.20
CA PHE A 198 -15.74 -6.97 -8.03
C PHE A 198 -15.49 -5.50 -7.70
N TRP A 199 -16.54 -4.81 -7.27
CA TRP A 199 -16.38 -3.45 -6.76
C TRP A 199 -15.57 -3.49 -5.48
N ALA A 200 -15.98 -4.34 -4.54
CA ALA A 200 -15.37 -4.39 -3.22
C ALA A 200 -13.87 -4.68 -3.24
N ILE A 201 -13.44 -5.61 -4.07
CA ILE A 201 -12.04 -6.04 -4.09
C ILE A 201 -11.09 -4.98 -4.65
N ARG A 202 -11.66 -3.93 -5.24
CA ARG A 202 -10.85 -2.87 -5.84
C ARG A 202 -10.67 -1.69 -4.89
N GLY A 203 -10.05 -1.94 -3.74
CA GLY A 203 -9.78 -0.90 -2.78
C GLY A 203 -10.39 -1.16 -1.42
N GLY A 204 -11.18 -2.22 -1.32
CA GLY A 204 -11.91 -2.54 -0.11
C GLY A 204 -11.06 -3.17 0.98
N GLY A 205 -9.79 -3.38 0.69
CA GLY A 205 -8.86 -3.94 1.66
C GLY A 205 -8.49 -5.36 1.32
N GLY A 206 -7.24 -5.73 1.61
CA GLY A 206 -6.77 -7.08 1.40
C GLY A 206 -7.11 -7.98 2.57
N GLY A 207 -7.15 -9.28 2.32
CA GLY A 207 -7.41 -10.27 3.35
C GLY A 207 -8.81 -10.21 3.92
N VAL A 208 -9.79 -9.88 3.08
CA VAL A 208 -11.16 -9.70 3.53
C VAL A 208 -12.16 -10.47 2.67
N TRP A 209 -11.93 -10.45 1.37
CA TRP A 209 -12.88 -10.97 0.40
C TRP A 209 -12.47 -12.35 -0.09
N GLY A 210 -11.20 -12.66 0.08
CA GLY A 210 -10.65 -13.91 -0.39
C GLY A 210 -9.27 -13.68 -0.97
N ALA A 211 -8.76 -14.69 -1.67
CA ALA A 211 -7.44 -14.57 -2.28
C ALA A 211 -7.55 -14.14 -3.74
N ILE A 212 -7.15 -12.91 -4.03
CA ILE A 212 -6.98 -12.49 -5.40
C ILE A 212 -5.89 -13.37 -5.98
N TYR A 213 -6.23 -14.17 -6.99
CA TYR A 213 -5.19 -14.88 -7.71
C TYR A 213 -4.56 -13.92 -8.70
N ALA A 214 -5.41 -13.20 -9.43
CA ALA A 214 -4.87 -12.27 -10.43
C ALA A 214 -5.68 -10.99 -10.60
N TRP A 215 -5.01 -9.96 -11.13
CA TRP A 215 -5.63 -8.69 -11.47
C TRP A 215 -5.49 -8.48 -12.97
N LYS A 216 -6.59 -8.23 -13.67
CA LYS A 216 -6.48 -7.74 -15.04
C LYS A 216 -6.62 -6.23 -15.05
N ILE A 217 -5.48 -5.55 -15.24
CA ILE A 217 -5.41 -4.10 -15.21
C ILE A 217 -5.31 -3.49 -16.59
N LYS A 218 -5.93 -2.32 -16.77
CA LYS A 218 -5.78 -1.56 -17.99
C LYS A 218 -4.45 -0.80 -17.93
N LEU A 219 -3.56 -1.09 -18.87
CA LEU A 219 -2.26 -0.43 -18.95
C LEU A 219 -2.42 1.04 -19.37
N LEU A 220 -1.56 1.89 -18.83
CA LEU A 220 -1.71 3.33 -18.97
C LEU A 220 -0.71 3.94 -19.94
N PRO A 221 -1.19 4.80 -20.84
CA PRO A 221 -0.32 5.45 -21.81
C PRO A 221 0.70 6.35 -21.12
N VAL A 222 1.94 6.31 -21.59
CA VAL A 222 2.98 7.23 -21.16
C VAL A 222 3.80 7.65 -22.38
N PRO A 223 4.30 8.89 -22.40
CA PRO A 223 5.14 9.31 -23.52
C PRO A 223 6.45 8.54 -23.49
N GLU A 224 7.14 8.47 -24.62
CA GLU A 224 8.44 7.80 -24.70
C GLU A 224 9.41 8.42 -23.71
N LYS A 225 9.24 9.71 -23.47
CA LYS A 225 10.05 10.44 -22.51
C LYS A 225 9.19 11.25 -21.55
N VAL A 226 9.37 10.99 -20.26
CA VAL A 226 8.76 11.80 -19.22
C VAL A 226 9.88 12.55 -18.52
N THR A 227 9.54 13.48 -17.64
CA THR A 227 10.57 14.25 -16.96
C THR A 227 10.45 14.10 -15.45
N VAL A 228 11.57 13.93 -14.75
CA VAL A 228 11.53 13.87 -13.30
C VAL A 228 12.63 14.67 -12.64
N PHE A 229 12.42 15.04 -11.39
CA PHE A 229 13.51 15.58 -10.60
C PHE A 229 13.46 15.06 -9.17
N ARG A 230 14.62 14.70 -8.64
CA ARG A 230 14.73 14.26 -7.26
C ARG A 230 15.76 15.15 -6.58
N VAL A 231 15.28 16.19 -5.91
CA VAL A 231 16.17 17.23 -5.41
C VAL A 231 16.00 17.48 -3.93
N THR A 232 17.03 17.20 -3.15
CA THR A 232 16.98 17.47 -1.71
C THR A 232 17.47 18.88 -1.38
N LYS A 233 16.59 19.68 -0.80
CA LYS A 233 16.94 21.02 -0.34
C LYS A 233 17.35 20.97 1.13
N ASN A 234 18.49 21.55 1.44
CA ASN A 234 18.93 21.71 2.82
C ASN A 234 18.74 23.14 3.29
N VAL A 235 17.73 23.37 4.11
CA VAL A 235 17.34 24.71 4.52
C VAL A 235 17.05 24.82 6.00
N ALA A 236 16.61 26.01 6.41
CA ALA A 236 16.18 26.27 7.77
C ALA A 236 14.66 26.10 7.85
N ILE A 237 14.13 26.12 9.08
CA ILE A 237 12.73 25.82 9.30
C ILE A 237 11.78 26.87 8.70
N ASP A 238 12.27 28.10 8.57
CA ASP A 238 11.46 29.18 8.00
C ASP A 238 11.25 28.99 6.51
N GLU A 239 12.37 28.85 5.79
CA GLU A 239 12.31 28.61 4.36
C GLU A 239 11.54 27.32 4.07
N ALA A 240 11.76 26.31 4.90
CA ALA A 240 11.07 25.03 4.75
C ALA A 240 9.56 25.20 4.91
N THR A 241 9.17 26.00 5.91
CA THR A 241 7.76 26.30 6.15
C THR A 241 7.15 27.00 4.93
N SER A 242 7.82 28.04 4.44
CA SER A 242 7.38 28.74 3.23
C SER A 242 7.19 27.77 2.07
N LEU A 243 8.20 26.94 1.85
CA LEU A 243 8.25 25.99 0.74
C LEU A 243 7.11 24.99 0.79
N LEU A 244 6.86 24.40 1.96
CA LEU A 244 5.76 23.43 2.10
C LEU A 244 4.40 24.12 1.95
N HIS A 245 4.30 25.30 2.55
CA HIS A 245 3.05 26.06 2.51
C HIS A 245 2.65 26.44 1.10
N LYS A 246 3.61 26.82 0.27
CA LYS A 246 3.31 27.07 -1.13
C LYS A 246 3.12 25.74 -1.85
N TRP A 247 3.85 24.73 -1.39
CA TRP A 247 3.82 23.42 -2.02
C TRP A 247 2.43 22.85 -2.07
N GLN A 248 1.68 22.96 -0.97
CA GLN A 248 0.33 22.38 -0.98
C GLN A 248 -0.51 22.92 -2.14
N PHE A 249 -0.47 24.23 -2.33
CA PHE A 249 -1.25 24.88 -3.37
C PHE A 249 -0.71 24.56 -4.76
N VAL A 250 0.59 24.72 -4.96
CA VAL A 250 1.20 24.42 -6.24
C VAL A 250 0.86 22.98 -6.67
N ALA A 251 1.13 22.03 -5.78
CA ALA A 251 0.92 20.62 -6.05
C ALA A 251 -0.54 20.27 -6.29
N GLU A 252 -1.44 20.78 -5.45
CA GLU A 252 -2.85 20.44 -5.59
C GLU A 252 -3.44 21.04 -6.86
N GLU A 253 -3.00 22.24 -7.22
CA GLU A 253 -3.60 22.96 -8.35
C GLU A 253 -2.92 22.73 -9.70
N LEU A 254 -1.82 21.97 -9.71
CA LEU A 254 -1.14 21.64 -10.95
C LEU A 254 -2.06 20.85 -11.88
N GLU A 255 -1.73 20.85 -13.17
CA GLU A 255 -2.45 20.01 -14.13
C GLU A 255 -2.21 18.53 -13.80
N GLU A 256 -2.96 17.65 -14.45
CA GLU A 256 -2.85 16.22 -14.17
C GLU A 256 -1.57 15.61 -14.75
N ASP A 257 -0.87 16.38 -15.57
CA ASP A 257 0.41 15.94 -16.13
C ASP A 257 1.58 16.28 -15.21
N PHE A 258 1.27 16.72 -14.00
CA PHE A 258 2.30 17.07 -13.03
C PHE A 258 2.04 16.42 -11.68
N THR A 259 3.11 15.95 -11.04
CA THR A 259 3.05 15.41 -9.70
C THR A 259 4.24 15.90 -8.89
N LEU A 260 3.96 16.74 -7.90
CA LEU A 260 5.01 17.22 -7.00
C LEU A 260 4.76 16.68 -5.60
N SER A 261 5.54 15.67 -5.22
CA SER A 261 5.44 15.12 -3.87
C SER A 261 6.69 15.48 -3.06
N VAL A 262 6.55 15.44 -1.74
CA VAL A 262 7.63 15.87 -0.86
C VAL A 262 7.96 14.84 0.22
N LEU A 263 9.22 14.48 0.32
CA LEU A 263 9.70 13.81 1.52
C LEU A 263 10.35 14.87 2.38
N GLY A 264 10.22 14.77 3.69
CA GLY A 264 10.72 15.82 4.56
C GLY A 264 11.19 15.35 5.91
N GLY A 265 12.21 16.00 6.44
CA GLY A 265 12.70 15.67 7.76
C GLY A 265 13.59 16.77 8.28
N ALA A 266 14.14 16.56 9.47
CA ALA A 266 14.96 17.59 10.09
C ALA A 266 15.89 17.03 11.16
N ASP A 267 16.67 17.94 11.73
CA ASP A 267 17.62 17.62 12.79
C ASP A 267 18.02 18.95 13.38
N GLU A 268 17.32 19.34 14.44
CA GLU A 268 17.47 20.65 15.05
C GLU A 268 17.38 21.75 14.00
N LYS A 269 18.51 22.38 13.72
CA LYS A 269 18.55 23.47 12.75
C LYS A 269 18.36 23.00 11.31
N GLN A 270 18.97 21.87 10.97
CA GLN A 270 19.00 21.42 9.58
C GLN A 270 17.73 20.72 9.12
N VAL A 271 16.95 21.38 8.28
CA VAL A 271 15.77 20.76 7.71
C VAL A 271 16.04 20.33 6.27
N TRP A 272 15.77 19.06 5.97
CA TRP A 272 15.90 18.57 4.61
C TRP A 272 14.54 18.30 3.98
N LEU A 273 14.39 18.70 2.72
CA LEU A 273 13.17 18.42 1.96
C LEU A 273 13.51 17.86 0.59
N THR A 274 13.27 16.57 0.39
CA THR A 274 13.42 15.99 -0.93
C THR A 274 12.17 16.26 -1.78
N MET A 275 12.37 16.95 -2.90
CA MET A 275 11.29 17.20 -3.84
C MET A 275 11.32 16.14 -4.94
N LEU A 276 10.20 15.46 -5.10
CA LEU A 276 10.03 14.46 -6.15
C LEU A 276 9.04 14.98 -7.16
N GLY A 277 9.53 15.35 -8.33
CA GLY A 277 8.67 15.88 -9.38
C GLY A 277 8.58 14.95 -10.59
N PHE A 278 7.38 14.85 -11.13
CA PHE A 278 7.12 14.07 -12.33
C PHE A 278 6.25 14.85 -13.29
N HIS A 279 6.69 14.91 -14.54
CA HIS A 279 5.92 15.54 -15.60
C HIS A 279 5.70 14.56 -16.73
N PHE A 280 4.42 14.35 -17.03
CA PHE A 280 3.97 13.55 -18.16
C PHE A 280 4.33 14.30 -19.44
N GLY A 281 5.63 14.40 -19.72
CA GLY A 281 6.10 15.18 -20.84
C GLY A 281 7.56 15.60 -20.73
N LEU A 282 7.92 16.65 -21.46
CA LEU A 282 9.32 17.01 -21.66
C LEU A 282 9.90 18.00 -20.65
N LYS A 283 11.23 17.98 -20.54
CA LYS A 283 11.97 18.78 -19.58
C LYS A 283 11.71 20.27 -19.69
N THR A 284 11.62 20.76 -20.92
CA THR A 284 11.39 22.18 -21.17
C THR A 284 10.07 22.66 -20.57
N VAL A 285 9.00 21.95 -20.90
CA VAL A 285 7.66 22.27 -20.41
C VAL A 285 7.62 22.21 -18.89
N ALA A 286 8.21 21.15 -18.34
CA ALA A 286 8.21 20.94 -16.90
C ALA A 286 8.92 22.07 -16.18
N LYS A 287 10.17 22.32 -16.57
CA LYS A 287 10.96 23.36 -15.95
C LYS A 287 10.34 24.74 -16.12
N SER A 288 9.70 24.97 -17.26
CA SER A 288 9.02 26.24 -17.48
C SER A 288 7.88 26.38 -16.47
N THR A 289 7.07 25.33 -16.39
CA THR A 289 5.92 25.31 -15.50
C THR A 289 6.33 25.56 -14.06
N PHE A 290 7.40 24.90 -13.60
CA PHE A 290 7.83 25.09 -12.22
C PHE A 290 8.55 26.42 -11.99
N ASP A 291 9.19 26.94 -13.04
CA ASP A 291 9.87 28.23 -12.96
C ASP A 291 8.84 29.34 -12.79
N LEU A 292 7.69 29.18 -13.44
CA LEU A 292 6.61 30.15 -13.25
C LEU A 292 5.87 29.92 -11.93
N LEU A 293 5.39 28.71 -11.71
CA LEU A 293 4.54 28.40 -10.56
C LEU A 293 5.28 28.30 -9.23
N PHE A 294 6.44 27.66 -9.23
CA PHE A 294 7.18 27.41 -7.99
C PHE A 294 8.66 27.75 -8.13
N PRO A 295 8.99 29.03 -8.35
CA PRO A 295 10.39 29.39 -8.54
C PRO A 295 11.18 29.40 -7.22
N GLU A 296 10.47 29.42 -6.10
CA GLU A 296 11.12 29.45 -4.79
C GLU A 296 11.84 28.15 -4.47
N LEU A 297 11.53 27.10 -5.24
CA LEU A 297 12.19 25.80 -5.07
C LEU A 297 13.65 25.89 -5.48
N GLY A 298 13.97 26.86 -6.33
CA GLY A 298 15.32 27.04 -6.81
C GLY A 298 15.76 25.86 -7.66
N LEU A 299 14.81 25.29 -8.40
CA LEU A 299 15.12 24.20 -9.29
C LEU A 299 15.90 24.70 -10.51
N VAL A 300 17.01 24.04 -10.80
CA VAL A 300 17.84 24.41 -11.94
C VAL A 300 17.72 23.40 -13.07
N GLU A 301 18.33 23.75 -14.20
CA GLU A 301 18.24 22.95 -15.42
C GLU A 301 18.70 21.50 -15.21
N GLU A 302 19.82 21.34 -14.52
CA GLU A 302 20.44 20.03 -14.33
C GLU A 302 19.61 19.12 -13.42
N ASP A 303 18.67 19.70 -12.69
CA ASP A 303 17.79 18.93 -11.80
C ASP A 303 16.77 18.11 -12.59
N TYR A 304 16.26 18.70 -13.67
CA TYR A 304 15.26 18.03 -14.51
C TYR A 304 15.93 17.03 -15.44
N LEU A 305 15.52 15.78 -15.32
CA LEU A 305 16.06 14.72 -16.18
C LEU A 305 14.95 14.14 -17.03
N GLU A 306 15.26 13.82 -18.28
CA GLU A 306 14.31 13.14 -19.16
C GLU A 306 14.67 11.68 -19.27
N MET A 307 13.66 10.82 -19.24
CA MET A 307 13.86 9.38 -19.31
C MET A 307 12.53 8.71 -19.55
N SER A 308 12.57 7.40 -19.79
CA SER A 308 11.35 6.63 -19.96
C SER A 308 10.57 6.59 -18.65
N TRP A 309 9.31 6.18 -18.72
CA TRP A 309 8.48 6.06 -17.53
C TRP A 309 9.09 5.11 -16.50
N GLY A 310 9.52 3.94 -16.95
CA GLY A 310 10.13 2.96 -16.06
C GLY A 310 11.33 3.55 -15.34
N GLU A 311 12.23 4.13 -16.12
CA GLU A 311 13.40 4.80 -15.58
C GLU A 311 13.02 5.88 -14.58
N SER A 312 11.93 6.58 -14.84
CA SER A 312 11.49 7.67 -13.97
C SER A 312 10.98 7.15 -12.63
N PHE A 313 10.15 6.11 -12.67
CA PHE A 313 9.66 5.51 -11.45
C PHE A 313 10.81 4.95 -10.62
N ALA A 314 11.72 4.24 -11.29
CA ALA A 314 12.90 3.70 -10.63
C ALA A 314 13.73 4.81 -10.00
N TYR A 315 13.83 5.93 -10.71
CA TYR A 315 14.64 7.07 -10.29
C TYR A 315 14.06 7.75 -9.06
N LEU A 316 12.74 7.94 -9.04
CA LEU A 316 12.09 8.60 -7.92
C LEU A 316 11.95 7.66 -6.72
N ALA A 317 11.91 6.35 -6.99
CA ALA A 317 11.91 5.38 -5.91
C ALA A 317 13.30 5.31 -5.28
N GLY A 318 14.30 5.74 -6.05
CA GLY A 318 15.66 5.79 -5.55
C GLY A 318 16.47 4.56 -5.91
N LEU A 319 15.96 3.76 -6.84
CA LEU A 319 16.68 2.57 -7.28
C LEU A 319 17.88 2.95 -8.13
N GLU A 320 18.91 2.11 -8.10
CA GLU A 320 20.13 2.34 -8.86
C GLU A 320 19.88 2.27 -10.36
N THR A 321 19.08 1.29 -10.78
CA THR A 321 18.74 1.10 -12.19
C THR A 321 17.30 0.66 -12.33
N VAL A 322 16.86 0.50 -13.58
CA VAL A 322 15.49 0.08 -13.87
C VAL A 322 15.30 -1.40 -13.53
N SER A 323 16.35 -2.18 -13.77
CA SER A 323 16.30 -3.62 -13.54
C SER A 323 16.00 -3.97 -12.09
N GLN A 324 16.40 -3.07 -11.17
CA GLN A 324 16.17 -3.29 -9.75
C GLN A 324 14.69 -3.40 -9.41
N LEU A 325 13.84 -2.87 -10.27
CA LEU A 325 12.40 -3.00 -10.13
C LEU A 325 12.02 -4.48 -10.08
N ASN A 326 12.66 -5.28 -10.92
CA ASN A 326 12.36 -6.70 -11.00
C ASN A 326 12.85 -7.50 -9.79
N ASN A 327 13.60 -6.85 -8.90
CA ASN A 327 14.12 -7.50 -7.71
C ASN A 327 13.26 -7.22 -6.48
N ARG A 328 12.45 -8.21 -6.10
CA ARG A 328 11.46 -8.03 -5.04
C ARG A 328 12.06 -8.04 -3.64
N PHE A 329 13.26 -8.58 -3.50
CA PHE A 329 13.86 -8.72 -2.18
C PHE A 329 14.94 -7.68 -1.93
N LEU A 330 15.02 -6.70 -2.82
CA LEU A 330 15.85 -5.54 -2.61
C LEU A 330 15.17 -4.63 -1.59
N LYS A 331 15.57 -4.76 -0.33
CA LYS A 331 14.94 -4.02 0.76
C LYS A 331 14.99 -2.51 0.55
N PHE A 332 13.82 -1.87 0.61
CA PHE A 332 13.70 -0.43 0.48
C PHE A 332 14.31 0.26 1.69
N ASP A 333 14.18 -0.38 2.86
CA ASP A 333 14.64 0.18 4.13
C ASP A 333 14.66 -0.94 5.17
N GLU A 334 15.83 -1.16 5.78
CA GLU A 334 16.01 -2.25 6.73
C GLU A 334 15.39 -1.96 8.09
N ARG A 335 14.86 -0.76 8.25
CA ARG A 335 14.41 -0.30 9.56
C ARG A 335 12.96 -0.65 9.87
N ALA A 336 12.72 -1.09 11.10
CA ALA A 336 11.37 -1.24 11.62
C ALA A 336 10.73 0.13 11.67
N PHE A 337 9.45 0.21 11.32
CA PHE A 337 8.79 1.51 11.25
C PHE A 337 7.36 1.51 11.76
N LYS A 338 6.86 2.70 12.05
CA LYS A 338 5.46 2.91 12.35
C LYS A 338 5.02 4.18 11.64
N THR A 339 3.93 4.10 10.89
CA THR A 339 3.49 5.23 10.09
C THR A 339 1.99 5.46 10.21
N LYS A 340 1.61 6.72 10.38
CA LYS A 340 0.20 7.09 10.44
C LYS A 340 -0.06 8.08 9.33
N VAL A 341 -1.30 8.18 8.85
CA VAL A 341 -1.58 9.01 7.69
C VAL A 341 -2.76 9.95 7.93
N ASP A 342 -2.84 10.99 7.11
CA ASP A 342 -3.96 11.91 7.13
C ASP A 342 -4.37 12.30 5.72
N LEU A 343 -5.63 12.70 5.58
CA LEU A 343 -6.11 13.26 4.33
C LEU A 343 -6.78 14.58 4.64
N THR A 344 -6.43 15.62 3.89
CA THR A 344 -6.96 16.95 4.16
C THR A 344 -8.07 17.34 3.19
N LYS A 345 -8.99 18.17 3.68
CA LYS A 345 -10.03 18.76 2.84
C LYS A 345 -9.89 20.27 2.81
N GLU A 346 -9.33 20.82 3.89
CA GLU A 346 -8.99 22.23 3.98
C GLU A 346 -7.51 22.40 3.73
N PRO A 347 -7.08 23.61 3.31
CA PRO A 347 -5.65 23.89 3.21
C PRO A 347 -5.02 23.95 4.58
N LEU A 348 -3.77 23.51 4.71
CA LEU A 348 -3.07 23.55 5.98
C LEU A 348 -2.52 24.93 6.25
N PRO A 349 -2.76 25.47 7.45
CA PRO A 349 -2.12 26.72 7.87
C PRO A 349 -0.62 26.47 7.94
N SER A 350 0.19 27.49 7.66
CA SER A 350 1.64 27.28 7.66
C SER A 350 2.16 26.96 9.06
N LYS A 351 1.33 27.15 10.09
CA LYS A 351 1.71 26.78 11.45
C LYS A 351 1.66 25.27 11.63
N ALA A 352 0.85 24.61 10.82
CA ALA A 352 0.81 23.15 10.83
C ALA A 352 2.13 22.61 10.31
N PHE A 353 2.57 23.15 9.17
CA PHE A 353 3.85 22.78 8.58
C PHE A 353 5.01 23.15 9.50
N TYR A 354 4.93 24.32 10.12
CA TYR A 354 5.98 24.78 11.02
C TYR A 354 6.10 23.86 12.23
N GLY A 355 4.96 23.51 12.81
CA GLY A 355 4.93 22.60 13.95
C GLY A 355 5.46 21.23 13.58
N LEU A 356 5.02 20.73 12.42
CA LEU A 356 5.53 19.46 11.90
C LEU A 356 7.05 19.49 11.77
N LEU A 357 7.56 20.58 11.23
CA LEU A 357 9.00 20.71 10.99
C LEU A 357 9.78 20.79 12.29
N GLU A 358 9.22 21.48 13.28
CA GLU A 358 9.85 21.57 14.58
C GLU A 358 9.91 20.20 15.26
N ARG A 359 8.77 19.51 15.25
CA ARG A 359 8.70 18.16 15.78
C ARG A 359 9.70 17.24 15.09
N LEU A 360 9.79 17.36 13.77
CA LEU A 360 10.74 16.60 12.97
C LEU A 360 12.16 16.93 13.37
N SER A 361 12.40 18.18 13.74
CA SER A 361 13.72 18.60 14.17
C SER A 361 14.04 17.99 15.52
N LYS A 362 13.02 17.75 16.33
CA LYS A 362 13.22 17.10 17.62
C LYS A 362 13.56 15.62 17.48
N GLU A 363 13.05 14.98 16.44
CA GLU A 363 13.29 13.55 16.22
C GLU A 363 13.78 13.25 14.81
N PRO A 364 15.09 13.11 14.64
CA PRO A 364 15.72 12.86 13.34
C PRO A 364 15.30 11.54 12.71
N ASN A 365 14.80 10.60 13.51
CA ASN A 365 14.34 9.32 12.98
C ASN A 365 12.95 9.42 12.37
N GLY A 366 12.29 10.55 12.58
CA GLY A 366 11.00 10.80 11.99
C GLY A 366 11.13 11.50 10.66
N PHE A 367 10.19 11.25 9.77
CA PHE A 367 10.08 11.99 8.51
C PHE A 367 8.63 12.00 8.03
N ILE A 368 8.31 12.89 7.09
CA ILE A 368 6.97 12.97 6.55
C ILE A 368 6.98 12.82 5.04
N ALA A 369 5.82 12.47 4.50
CA ALA A 369 5.62 12.39 3.06
C ALA A 369 4.31 13.09 2.72
N LEU A 370 4.39 13.97 1.72
CA LEU A 370 3.30 14.82 1.34
C LEU A 370 2.96 14.59 -0.13
N ASN A 371 1.74 14.16 -0.38
CA ASN A 371 1.27 13.97 -1.75
C ASN A 371 0.04 14.80 -2.06
N GLY A 372 -0.01 15.34 -3.26
CA GLY A 372 -1.16 16.12 -3.67
C GLY A 372 -2.21 15.23 -4.27
N PHE A 373 -3.47 15.62 -4.12
CA PHE A 373 -4.54 14.98 -4.85
C PHE A 373 -4.94 15.91 -5.99
N GLY A 374 -6.24 16.09 -6.20
CA GLY A 374 -6.70 16.85 -7.34
C GLY A 374 -6.48 16.06 -8.61
N GLY A 375 -6.57 16.74 -9.75
CA GLY A 375 -6.44 16.07 -11.04
C GLY A 375 -7.50 15.00 -11.21
N GLN A 376 -7.11 13.88 -11.81
CA GLN A 376 -8.03 12.78 -12.07
C GLN A 376 -8.70 12.26 -10.80
N MET A 377 -7.98 12.31 -9.69
CA MET A 377 -8.52 11.88 -8.40
C MET A 377 -9.78 12.65 -8.04
N SER A 378 -9.85 13.92 -8.46
CA SER A 378 -11.02 14.75 -8.17
C SER A 378 -12.22 14.36 -9.02
N LYS A 379 -11.95 13.77 -10.17
CA LYS A 379 -13.01 13.49 -11.14
C LYS A 379 -13.73 12.17 -10.88
N ILE A 380 -12.99 11.16 -10.43
CA ILE A 380 -13.56 9.85 -10.13
C ILE A 380 -14.56 9.92 -8.98
N SER A 381 -15.74 9.34 -9.19
CA SER A 381 -16.77 9.33 -8.15
C SER A 381 -16.27 8.64 -6.89
N SER A 382 -16.73 9.11 -5.74
CA SER A 382 -16.32 8.55 -4.46
C SER A 382 -16.73 7.09 -4.30
N ASP A 383 -17.68 6.65 -5.12
CA ASP A 383 -18.20 5.29 -5.02
C ASP A 383 -17.86 4.42 -6.24
N PHE A 384 -17.04 4.95 -7.13
CA PHE A 384 -16.59 4.19 -8.30
C PHE A 384 -15.88 2.92 -7.84
N THR A 385 -15.00 3.10 -6.86
CA THR A 385 -14.36 2.00 -6.16
C THR A 385 -14.45 2.35 -4.67
N PRO A 386 -14.24 1.37 -3.77
CA PRO A 386 -14.38 1.61 -2.32
C PRO A 386 -13.64 2.84 -1.78
N PHE A 387 -12.60 3.30 -2.46
CA PHE A 387 -11.86 4.48 -2.02
C PHE A 387 -12.72 5.73 -2.23
N PRO A 388 -13.05 6.44 -1.14
CA PRO A 388 -14.01 7.54 -1.16
C PRO A 388 -13.38 8.92 -1.29
N HIS A 389 -12.10 9.05 -0.96
CA HIS A 389 -11.46 10.36 -0.87
C HIS A 389 -11.07 10.89 -2.24
N ARG A 390 -12.00 11.58 -2.88
CA ARG A 390 -11.82 12.05 -4.24
C ARG A 390 -11.94 13.57 -4.30
N SER A 391 -13.04 14.05 -4.88
CA SER A 391 -13.28 15.48 -4.99
C SER A 391 -13.42 16.10 -3.60
N GLY A 392 -12.66 17.17 -3.37
CA GLY A 392 -12.67 17.82 -2.08
C GLY A 392 -11.49 17.42 -1.22
N THR A 393 -10.77 16.39 -1.68
CA THR A 393 -9.56 15.95 -1.00
C THR A 393 -8.36 16.67 -1.61
N ARG A 394 -7.46 17.15 -0.76
CA ARG A 394 -6.34 17.96 -1.22
C ARG A 394 -5.00 17.24 -1.08
N LEU A 395 -4.69 16.82 0.15
CA LEU A 395 -3.38 16.26 0.45
C LEU A 395 -3.45 14.95 1.21
N MET A 396 -2.53 14.04 0.90
CA MET A 396 -2.26 12.91 1.77
C MET A 396 -0.97 13.21 2.51
N VAL A 397 -1.07 13.31 3.83
CA VAL A 397 0.06 13.66 4.68
C VAL A 397 0.38 12.49 5.61
N GLU A 398 1.42 11.73 5.28
CA GLU A 398 1.80 10.62 6.15
C GLU A 398 3.04 10.91 6.98
N TYR A 399 3.00 10.47 8.23
CA TYR A 399 4.07 10.68 9.18
C TYR A 399 4.66 9.32 9.52
N ILE A 400 5.96 9.19 9.30
CA ILE A 400 6.66 7.94 9.50
C ILE A 400 7.74 8.09 10.56
N VAL A 401 7.88 7.09 11.42
CA VAL A 401 9.07 7.02 12.27
C VAL A 401 9.70 5.65 12.13
N ALA A 402 11.01 5.64 11.86
CA ALA A 402 11.73 4.40 11.62
C ALA A 402 12.99 4.31 12.47
N TRP A 403 13.49 3.11 12.65
CA TRP A 403 14.68 2.90 13.47
C TRP A 403 15.32 1.56 13.18
N ASN A 404 16.64 1.49 13.37
CA ASN A 404 17.36 0.23 13.25
C ASN A 404 17.39 -0.50 14.59
N GLN A 405 17.85 -1.75 14.57
CA GLN A 405 17.88 -2.59 15.76
C GLN A 405 18.72 -1.96 16.88
N SER A 406 19.78 -1.25 16.48
CA SER A 406 20.64 -0.56 17.41
C SER A 406 19.85 0.48 18.20
N GLU A 407 18.72 0.92 17.65
CA GLU A 407 17.87 1.90 18.30
C GLU A 407 16.58 1.29 18.84
N GLN A 408 16.43 -0.03 18.68
CA GLN A 408 15.16 -0.68 19.03
C GLN A 408 14.75 -0.51 20.49
N LYS A 409 15.72 -0.37 21.39
CA LYS A 409 15.44 -0.16 22.80
C LYS A 409 14.62 1.11 23.03
N LYS A 410 14.78 2.08 22.15
CA LYS A 410 14.07 3.35 22.27
C LYS A 410 12.73 3.35 21.55
N LYS A 411 12.34 2.19 21.02
CA LYS A 411 11.11 2.01 20.25
C LYS A 411 9.94 2.90 20.67
N THR A 412 9.50 2.74 21.91
CA THR A 412 8.33 3.45 22.41
C THR A 412 8.43 4.96 22.23
N GLU A 413 9.60 5.53 22.55
CA GLU A 413 9.84 6.96 22.37
C GLU A 413 9.41 7.36 20.96
N PHE A 414 9.93 6.63 19.98
CA PHE A 414 9.60 6.88 18.58
C PHE A 414 8.09 6.91 18.43
N LEU A 415 7.45 5.83 18.87
CA LEU A 415 6.00 5.70 18.80
C LEU A 415 5.38 6.94 19.43
N ASP A 416 5.84 7.27 20.63
CA ASP A 416 5.28 8.38 21.38
C ASP A 416 5.37 9.63 20.54
N TRP A 417 6.54 9.87 19.97
CA TRP A 417 6.76 11.04 19.14
C TRP A 417 5.68 11.07 18.07
N LEU A 418 5.54 9.95 17.36
CA LEU A 418 4.59 9.87 16.27
C LEU A 418 3.20 10.21 16.78
N GLU A 419 2.84 9.64 17.93
CA GLU A 419 1.51 9.88 18.49
C GLU A 419 1.31 11.37 18.63
N LYS A 420 2.30 12.05 19.23
CA LYS A 420 2.21 13.47 19.46
C LYS A 420 1.95 14.19 18.14
N VAL A 421 2.72 13.79 17.12
CA VAL A 421 2.59 14.39 15.80
C VAL A 421 1.14 14.28 15.36
N TYR A 422 0.59 13.08 15.48
CA TYR A 422 -0.75 12.81 15.00
C TYR A 422 -1.76 13.63 15.78
N GLU A 423 -1.44 13.90 17.05
CA GLU A 423 -2.33 14.68 17.88
C GLU A 423 -2.22 16.15 17.50
N PHE A 424 -1.03 16.56 17.10
CA PHE A 424 -0.81 17.97 16.75
C PHE A 424 -1.55 18.29 15.46
N MET A 425 -1.60 17.32 14.55
CA MET A 425 -2.19 17.52 13.23
C MET A 425 -3.70 17.44 13.22
N LYS A 426 -4.28 16.95 14.32
CA LYS A 426 -5.73 16.74 14.41
C LYS A 426 -6.61 17.93 14.01
N PRO A 427 -6.30 19.15 14.50
CA PRO A 427 -7.18 20.27 14.16
C PRO A 427 -7.12 20.70 12.69
N PHE A 428 -6.03 20.40 12.00
CA PHE A 428 -5.84 20.93 10.64
C PHE A 428 -6.27 19.95 9.56
N VAL A 429 -6.60 18.72 9.95
CA VAL A 429 -6.93 17.70 8.97
C VAL A 429 -8.43 17.41 8.95
N SER A 430 -8.80 16.34 8.26
CA SER A 430 -10.21 15.94 8.16
C SER A 430 -10.80 15.59 9.51
N LYS A 431 -12.09 15.85 9.67
CA LYS A 431 -12.78 15.62 10.94
C LYS A 431 -14.11 14.93 10.71
N ASN A 432 -14.57 14.19 11.72
CA ASN A 432 -15.87 13.52 11.72
C ASN A 432 -16.24 12.81 10.42
N PRO A 433 -15.55 11.71 10.10
CA PRO A 433 -14.45 11.15 10.89
C PRO A 433 -13.10 11.65 10.38
N ARG A 434 -12.06 11.47 11.19
CA ARG A 434 -10.70 11.70 10.73
C ARG A 434 -10.41 10.65 9.67
N LEU A 435 -10.25 11.10 8.42
CA LEU A 435 -10.17 10.19 7.29
C LEU A 435 -8.91 9.35 7.29
N GLY A 436 -9.03 8.13 6.77
CA GLY A 436 -7.91 7.22 6.68
C GLY A 436 -7.83 6.54 5.32
N TYR A 437 -6.84 5.67 5.16
CA TYR A 437 -6.62 4.96 3.90
C TYR A 437 -6.25 3.51 4.23
N VAL A 438 -7.00 2.58 3.64
CA VAL A 438 -6.91 1.17 4.03
C VAL A 438 -5.54 0.52 3.77
N ASN A 439 -4.84 0.94 2.72
CA ASN A 439 -3.49 0.44 2.49
C ASN A 439 -2.51 0.99 3.52
N HIS A 440 -2.92 2.06 4.19
CA HIS A 440 -2.15 2.62 5.28
CA HIS A 440 -2.17 2.64 5.28
C HIS A 440 -2.80 2.19 6.59
N ILE A 441 -3.07 0.89 6.69
CA ILE A 441 -3.75 0.28 7.83
C ILE A 441 -3.17 0.71 9.18
N ASP A 442 -4.05 1.00 10.13
CA ASP A 442 -3.63 1.56 11.41
C ASP A 442 -4.45 0.97 12.56
N LEU A 443 -3.78 0.20 13.42
CA LEU A 443 -4.47 -0.48 14.50
C LEU A 443 -4.71 0.40 15.73
N ASP A 444 -4.15 1.61 15.72
CA ASP A 444 -4.42 2.56 16.79
C ASP A 444 -5.91 2.92 16.77
N LEU A 445 -6.50 2.85 15.58
CA LEU A 445 -7.90 3.19 15.40
C LEU A 445 -8.81 2.12 16.00
N GLY A 446 -8.19 1.04 16.47
CA GLY A 446 -8.91 -0.06 17.08
C GLY A 446 -8.70 -1.37 16.35
N GLY A 447 -9.44 -2.40 16.77
CA GLY A 447 -9.33 -3.71 16.15
C GLY A 447 -10.40 -4.67 16.64
N ILE A 448 -10.73 -5.66 15.83
CA ILE A 448 -11.75 -6.64 16.18
C ILE A 448 -11.12 -7.95 16.63
N ASP A 449 -11.48 -8.37 17.84
CA ASP A 449 -11.11 -9.70 18.32
C ASP A 449 -12.18 -10.69 17.90
N TRP A 450 -11.90 -11.46 16.85
CA TRP A 450 -12.88 -12.36 16.28
C TRP A 450 -13.15 -13.58 17.17
N GLY A 451 -12.43 -13.69 18.27
CA GLY A 451 -12.64 -14.76 19.23
C GLY A 451 -13.64 -14.36 20.30
N ASN A 452 -13.78 -13.06 20.50
CA ASN A 452 -14.71 -12.51 21.49
C ASN A 452 -16.10 -12.33 20.89
N LYS A 453 -16.99 -13.26 21.18
CA LYS A 453 -18.34 -13.28 20.57
C LYS A 453 -19.20 -12.08 20.95
N THR A 454 -18.87 -11.43 22.07
CA THR A 454 -19.55 -10.19 22.45
C THR A 454 -19.19 -9.09 21.46
N VAL A 455 -17.90 -9.00 21.14
CA VAL A 455 -17.41 -8.06 20.14
C VAL A 455 -17.94 -8.44 18.75
N VAL A 456 -17.86 -9.74 18.44
CA VAL A 456 -18.27 -10.25 17.14
C VAL A 456 -19.75 -9.98 16.85
N ASN A 457 -20.59 -10.12 17.87
CA ASN A 457 -22.01 -9.80 17.73
C ASN A 457 -22.21 -8.34 17.34
N ASN A 458 -21.34 -7.48 17.84
CA ASN A 458 -21.40 -6.05 17.55
C ASN A 458 -20.29 -5.61 16.60
N ALA A 459 -19.79 -6.55 15.81
CA ALA A 459 -18.62 -6.32 14.95
C ALA A 459 -18.75 -5.10 14.03
N ILE A 460 -19.90 -4.95 13.39
CA ILE A 460 -20.10 -3.88 12.41
C ILE A 460 -19.91 -2.48 13.01
N GLU A 461 -20.58 -2.21 14.11
CA GLU A 461 -20.55 -0.89 14.72
C GLU A 461 -19.20 -0.59 15.37
N ILE A 462 -18.57 -1.62 15.94
CA ILE A 462 -17.25 -1.47 16.52
C ILE A 462 -16.23 -1.21 15.42
N SER A 463 -16.49 -1.78 14.24
CA SER A 463 -15.59 -1.62 13.10
C SER A 463 -15.85 -0.32 12.37
N ARG A 464 -17.02 0.29 12.62
CA ARG A 464 -17.40 1.55 11.99
C ARG A 464 -16.35 2.64 12.20
N SER A 465 -15.68 2.58 13.35
CA SER A 465 -14.66 3.56 13.73
C SER A 465 -13.56 3.76 12.67
N TRP A 466 -13.02 2.66 12.16
CA TRP A 466 -12.00 2.74 11.12
C TRP A 466 -12.61 2.51 9.74
N GLY A 467 -13.80 1.94 9.72
CA GLY A 467 -14.51 1.66 8.49
C GLY A 467 -14.96 2.92 7.78
N GLU A 468 -15.55 3.85 8.52
CA GLU A 468 -15.93 5.14 7.97
C GLU A 468 -14.69 5.96 7.65
N SER A 469 -13.63 5.72 8.41
CA SER A 469 -12.37 6.42 8.21
C SER A 469 -11.77 6.06 6.86
N TYR A 470 -11.80 4.77 6.53
CA TYR A 470 -11.20 4.28 5.30
C TYR A 470 -12.13 4.41 4.09
N PHE A 471 -13.43 4.30 4.32
CA PHE A 471 -14.37 4.09 3.22
C PHE A 471 -15.59 5.01 3.21
N LEU A 472 -15.85 5.67 4.32
CA LEU A 472 -16.98 6.58 4.45
C LEU A 472 -18.32 5.93 4.11
N SER A 473 -18.98 6.45 3.07
CA SER A 473 -20.31 5.99 2.68
C SER A 473 -20.28 4.63 2.01
N ASN A 474 -19.11 4.19 1.57
CA ASN A 474 -18.97 2.92 0.87
C ASN A 474 -18.95 1.71 1.81
N TYR A 475 -18.89 2.00 3.11
CA TYR A 475 -18.79 0.97 4.14
C TYR A 475 -19.96 -0.01 4.09
N GLU A 476 -21.17 0.51 3.90
CA GLU A 476 -22.38 -0.32 3.82
C GLU A 476 -22.32 -1.32 2.67
N ARG A 477 -22.00 -0.82 1.48
CA ARG A 477 -21.90 -1.67 0.31
C ARG A 477 -20.75 -2.68 0.46
N LEU A 478 -19.69 -2.27 1.14
CA LEU A 478 -18.61 -3.19 1.47
C LEU A 478 -19.10 -4.31 2.36
N ILE A 479 -19.98 -3.97 3.30
CA ILE A 479 -20.55 -4.97 4.18
C ILE A 479 -21.44 -5.95 3.42
N ARG A 480 -22.29 -5.41 2.54
CA ARG A 480 -23.12 -6.26 1.70
C ARG A 480 -22.27 -7.23 0.86
N ALA A 481 -21.24 -6.68 0.23
CA ALA A 481 -20.33 -7.47 -0.60
C ALA A 481 -19.63 -8.56 0.20
N LYS A 482 -19.15 -8.20 1.37
CA LYS A 482 -18.52 -9.15 2.29
C LYS A 482 -19.47 -10.29 2.62
N THR A 483 -20.71 -9.92 2.94
CA THR A 483 -21.74 -10.91 3.25
C THR A 483 -21.92 -11.86 2.06
N LEU A 484 -21.95 -11.29 0.86
CA LEU A 484 -22.10 -12.08 -0.35
C LEU A 484 -20.96 -13.07 -0.57
N ILE A 485 -19.71 -12.61 -0.45
CA ILE A 485 -18.56 -13.40 -0.88
C ILE A 485 -17.94 -14.24 0.24
N ASP A 486 -18.16 -13.84 1.49
CA ASP A 486 -17.61 -14.57 2.63
C ASP A 486 -18.50 -14.42 3.84
N PRO A 487 -19.65 -15.12 3.84
CA PRO A 487 -20.61 -15.01 4.94
C PRO A 487 -20.12 -15.66 6.23
N ASN A 488 -19.17 -16.59 6.11
CA ASN A 488 -18.64 -17.26 7.30
C ASN A 488 -17.37 -16.59 7.82
N ASN A 489 -17.00 -15.49 7.20
CA ASN A 489 -15.86 -14.68 7.64
C ASN A 489 -14.58 -15.51 7.77
N VAL A 490 -14.26 -16.28 6.74
CA VAL A 490 -13.04 -17.08 6.72
C VAL A 490 -11.84 -16.17 6.53
N PHE A 491 -12.04 -15.08 5.78
CA PHE A 491 -10.99 -14.09 5.58
C PHE A 491 -11.18 -12.90 6.52
N ASN A 492 -10.45 -12.93 7.63
CA ASN A 492 -10.58 -11.91 8.66
C ASN A 492 -9.24 -11.49 9.23
N HIS A 493 -9.20 -10.28 9.75
CA HIS A 493 -8.03 -9.75 10.44
C HIS A 493 -8.54 -8.64 11.36
N PRO A 494 -7.68 -8.05 12.22
CA PRO A 494 -8.19 -7.07 13.19
C PRO A 494 -9.05 -5.93 12.63
N GLN A 495 -8.92 -5.60 11.35
CA GLN A 495 -9.71 -4.53 10.77
C GLN A 495 -10.41 -4.93 9.47
N SER A 496 -10.67 -6.22 9.31
CA SER A 496 -11.37 -6.70 8.14
C SER A 496 -12.85 -6.31 8.18
N ILE A 497 -13.46 -6.19 7.00
CA ILE A 497 -14.88 -5.88 6.92
C ILE A 497 -15.71 -7.02 7.48
N PRO A 498 -16.59 -6.73 8.45
CA PRO A 498 -17.47 -7.74 9.04
C PRO A 498 -18.60 -8.11 8.08
N PRO A 499 -19.05 -9.37 8.11
CA PRO A 499 -20.25 -9.76 7.36
C PRO A 499 -21.49 -9.34 8.14
N MET A 500 -22.64 -9.29 7.46
CA MET A 500 -23.89 -8.97 8.13
C MET A 500 -24.25 -10.03 9.18
N ALA A 501 -25.16 -9.68 10.08
CA ALA A 501 -25.60 -10.58 11.13
C ALA A 501 -26.75 -11.47 10.68
#